data_3SVV
#
_entry.id   3SVV
#
_cell.length_a   42.300
_cell.length_b   63.315
_cell.length_c   74.230
_cell.angle_alpha   78.930
_cell.angle_beta   87.700
_cell.angle_gamma   87.920
#
_symmetry.space_group_name_H-M   'P 1'
#
loop_
_entity.id
_entity.type
_entity.pdbx_description
1 polymer 'Proto-oncogene tyrosine-protein kinase Src'
2 non-polymer N-(3-{[4-amino-1-(propan-2-yl)-1H-pyrazolo[3,4-d]pyrimidin-3-yl]methyl}phenyl)ethanesulfonamide
3 water water
#
_entity_poly.entity_id   1
_entity_poly.type   'polypeptide(L)'
_entity_poly.pdbx_seq_one_letter_code
;GHMQTQGLAKDAWEIPRESLRLEVKLGQGCFGEVWMGTWNGTTRVAIKTLKPGTMSPEAFLQEAQVMKKLRHEKLVQLYA
VVSEEPIYIVCEYMSKGSLLDFLKGEMGKYLRLPQLVDMAAQIASGMAYVERMNYVHRDLRAANILVGENLVCKVADFGL
ARLIEDNEYTARQGAKFPIKWTAPEAALYGRFTIKSDVWSFGILLTELTTKGRVPYPGMVNREVLDQVERGYRMPCPPEC
PESLHDLMCQCWRKDPEERPTFEYLQAFLEDYFTSTEPQYQPGENL
;
_entity_poly.pdbx_strand_id   A,B
#
loop_
_chem_comp.id
_chem_comp.type
_chem_comp.name
_chem_comp.formula
VSP non-polymer N-(3-{[4-amino-1-(propan-2-yl)-1H-pyrazolo[3,4-d]pyrimidin-3-yl]methyl}phenyl)ethanesulfonamide 'C17 H22 N6 O2 S'
#
# COMPACT_ATOMS: atom_id res chain seq x y z
N LYS A 10 1.70 42.02 14.87
CA LYS A 10 1.09 40.76 15.29
C LYS A 10 0.04 40.27 14.31
N ASP A 11 0.26 39.07 13.77
CA ASP A 11 -0.65 38.47 12.79
C ASP A 11 -1.95 37.96 13.42
N ALA A 12 -2.73 37.22 12.63
CA ALA A 12 -4.04 36.77 13.06
C ALA A 12 -3.98 35.65 14.07
N TRP A 13 -2.76 35.17 14.38
CA TRP A 13 -2.57 34.04 15.30
C TRP A 13 -2.44 34.45 16.79
N GLU A 14 -2.07 35.70 17.07
CA GLU A 14 -2.00 36.20 18.46
C GLU A 14 -3.29 36.03 19.23
N ILE A 15 -3.18 35.63 20.48
CA ILE A 15 -4.33 35.62 21.37
C ILE A 15 -3.99 36.35 22.69
N PRO A 16 -5.03 36.78 23.42
CA PRO A 16 -4.78 37.43 24.72
C PRO A 16 -4.29 36.43 25.77
N ARG A 17 -3.27 36.79 26.54
CA ARG A 17 -2.77 35.91 27.61
C ARG A 17 -3.86 35.41 28.56
N GLU A 18 -4.93 36.17 28.73
CA GLU A 18 -5.98 35.78 29.67
C GLU A 18 -6.88 34.67 29.10
N SER A 19 -6.81 34.46 27.78
CA SER A 19 -7.69 33.46 27.13
C SER A 19 -7.17 32.02 27.26
N LEU A 20 -6.07 31.84 27.98
CA LEU A 20 -5.32 30.59 28.00
C LEU A 20 -5.11 30.09 29.44
N ARG A 21 -5.66 28.91 29.76
CA ARG A 21 -5.46 28.32 31.08
C ARG A 21 -4.60 27.05 31.06
N LEU A 22 -3.46 27.08 31.73
CA LEU A 22 -2.60 25.91 31.87
C LEU A 22 -3.04 25.05 33.06
N GLU A 23 -3.58 23.86 32.78
CA GLU A 23 -4.17 23.00 33.83
C GLU A 23 -3.25 21.89 34.34
N VAL A 24 -2.82 20.99 33.46
CA VAL A 24 -1.92 19.89 33.82
C VAL A 24 -0.58 19.95 33.06
N LYS A 25 0.54 19.82 33.78
CA LYS A 25 1.83 19.77 33.10
C LYS A 25 2.07 18.37 32.51
N LEU A 26 2.32 18.28 31.20
CA LEU A 26 2.53 16.98 30.55
C LEU A 26 4.01 16.60 30.36
N GLY A 27 4.88 17.59 30.18
CA GLY A 27 6.30 17.36 29.94
C GLY A 27 7.15 18.55 30.35
N GLN A 28 8.44 18.32 30.56
CA GLN A 28 9.38 19.37 30.97
C GLN A 28 10.66 19.30 30.13
N GLY A 29 11.51 20.33 30.24
CA GLY A 29 12.68 20.44 29.41
C GLY A 29 13.51 21.67 29.71
N PHE A 31 14.64 24.29 28.21
CA PHE A 31 13.92 24.71 27.00
C PHE A 31 12.53 25.28 27.31
N GLY A 32 11.72 24.50 28.03
CA GLY A 32 10.38 24.90 28.39
C GLY A 32 9.50 23.75 28.84
N GLU A 33 8.18 23.92 28.73
CA GLU A 33 7.22 22.94 29.21
C GLU A 33 6.10 22.68 28.20
N VAL A 34 5.35 21.61 28.44
CA VAL A 34 4.15 21.34 27.68
C VAL A 34 3.04 21.08 28.67
N TRP A 35 1.87 21.68 28.43
CA TRP A 35 0.75 21.58 29.34
C TRP A 35 -0.48 21.24 28.55
N MET A 36 -1.41 20.58 29.22
CA MET A 36 -2.79 20.53 28.74
C MET A 36 -3.48 21.71 29.37
N GLY A 37 -4.35 22.36 28.60
CA GLY A 37 -5.07 23.49 29.11
C GLY A 37 -6.33 23.79 28.32
N THR A 38 -6.88 24.97 28.53
CA THR A 38 -8.12 25.39 27.85
C THR A 38 -7.89 26.74 27.21
N TRP A 39 -8.53 26.97 26.07
CA TRP A 39 -8.39 28.21 25.33
C TRP A 39 -9.80 28.79 25.13
N ASN A 40 -9.98 30.06 25.48
CA ASN A 40 -11.30 30.70 25.44
C ASN A 40 -12.30 29.97 26.33
N GLY A 41 -11.81 29.39 27.43
CA GLY A 41 -12.66 28.66 28.35
C GLY A 41 -13.45 27.47 27.80
N THR A 42 -13.28 27.14 26.51
CA THR A 42 -14.08 26.08 25.88
C THR A 42 -13.28 25.05 25.09
N THR A 43 -12.09 25.44 24.63
CA THR A 43 -11.31 24.56 23.76
C THR A 43 -10.14 23.92 24.50
N ARG A 44 -10.19 22.59 24.59
CA ARG A 44 -9.07 21.81 25.13
C ARG A 44 -7.84 21.94 24.20
N VAL A 45 -6.68 22.20 24.77
CA VAL A 45 -5.49 22.41 23.95
C VAL A 45 -4.22 21.92 24.61
N ALA A 46 -3.16 21.83 23.80
CA ALA A 46 -1.81 21.59 24.28
C ALA A 46 -1.03 22.90 24.16
N ILE A 47 -0.23 23.21 25.17
CA ILE A 47 0.50 24.48 25.23
C ILE A 47 1.98 24.27 25.47
N LYS A 48 2.83 24.76 24.57
CA LYS A 48 4.29 24.71 24.77
C LYS A 48 4.82 26.08 25.22
N THR A 49 5.52 26.11 26.36
CA THR A 49 6.15 27.34 26.84
C THR A 49 7.66 27.40 26.53
N LEU A 50 8.18 28.63 26.50
CA LEU A 50 9.61 28.88 26.40
C LEU A 50 10.11 29.59 27.65
N LYS A 51 10.99 28.92 28.41
CA LYS A 51 11.61 29.55 29.58
C LYS A 51 12.46 30.71 29.10
N PRO A 52 12.11 31.94 29.51
CA PRO A 52 12.85 33.12 29.03
C PRO A 52 14.36 32.99 29.26
N GLY A 53 15.14 33.35 28.26
CA GLY A 53 16.58 33.28 28.34
C GLY A 53 17.15 31.86 28.41
N THR A 54 16.63 30.97 27.57
CA THR A 54 17.17 29.61 27.45
C THR A 54 17.26 29.19 25.98
N MET A 55 16.64 29.97 25.11
CA MET A 55 16.67 29.74 23.68
C MET A 55 16.23 31.01 22.98
N SER A 56 16.77 31.26 21.80
CA SER A 56 16.35 32.42 21.05
C SER A 56 14.84 32.34 20.82
N PRO A 57 14.12 33.42 21.17
CA PRO A 57 12.69 33.52 20.81
C PRO A 57 12.49 33.26 19.33
N GLU A 58 13.41 33.73 18.49
CA GLU A 58 13.29 33.50 17.06
C GLU A 58 13.42 32.01 16.74
N ALA A 59 14.28 31.33 17.49
CA ALA A 59 14.49 29.90 17.32
C ALA A 59 13.27 29.12 17.78
N PHE A 60 12.78 29.42 18.98
CA PHE A 60 11.64 28.72 19.55
C PHE A 60 10.38 28.84 18.71
N LEU A 61 10.17 30.04 18.17
CA LEU A 61 8.98 30.34 17.39
C LEU A 61 9.03 29.74 15.99
N GLN A 62 10.21 29.35 15.54
CA GLN A 62 10.34 28.80 14.19
C GLN A 62 9.37 27.62 14.00
N GLU A 63 9.18 26.84 15.05
CA GLU A 63 8.23 25.73 15.05
C GLU A 63 6.82 26.23 14.69
N ALA A 64 6.51 27.45 15.10
CA ALA A 64 5.19 28.02 14.87
C ALA A 64 5.08 28.63 13.48
N GLN A 65 6.16 29.19 12.98
CA GLN A 65 6.15 29.72 11.61
C GLN A 65 5.82 28.63 10.60
N VAL A 66 6.43 27.46 10.78
CA VAL A 66 6.19 26.29 9.92
C VAL A 66 4.71 25.88 9.99
N MET A 67 4.19 25.73 11.21
CA MET A 67 2.81 25.26 11.38
C MET A 67 1.74 26.26 10.94
N LYS A 68 2.13 27.49 10.65
CA LYS A 68 1.18 28.44 10.06
C LYS A 68 0.96 28.14 8.59
N LYS A 69 1.97 27.55 7.95
CA LYS A 69 1.92 27.26 6.52
C LYS A 69 1.47 25.83 6.21
N LEU A 70 1.77 24.90 7.12
CA LEU A 70 1.42 23.49 6.95
C LEU A 70 0.14 23.18 7.72
N ARG A 71 -0.87 22.70 6.99
CA ARG A 71 -2.16 22.39 7.58
C ARG A 71 -2.68 21.09 6.94
N HIS A 72 -2.89 20.07 7.75
CA HIS A 72 -3.25 18.75 7.24
C HIS A 72 -3.77 17.91 8.39
N GLU A 73 -4.72 17.00 8.12
CA GLU A 73 -5.40 16.29 9.21
C GLU A 73 -4.45 15.36 9.99
N LYS A 74 -3.30 15.02 9.38
CA LYS A 74 -2.33 14.16 10.04
C LYS A 74 -1.11 14.91 10.59
N LEU A 75 -1.22 16.23 10.65
CA LEU A 75 -0.21 17.05 11.34
C LEU A 75 -0.90 17.72 12.52
N VAL A 76 -0.31 17.62 13.71
CA VAL A 76 -0.84 18.31 14.88
C VAL A 76 -1.03 19.83 14.57
N GLN A 77 -2.25 20.31 14.67
CA GLN A 77 -2.63 21.63 14.17
C GLN A 77 -2.23 22.81 15.10
N LEU A 78 -1.60 23.83 14.53
CA LEU A 78 -1.42 25.09 15.24
C LEU A 78 -2.77 25.81 15.45
N TYR A 79 -3.02 26.24 16.68
CA TYR A 79 -4.19 27.08 16.98
C TYR A 79 -3.81 28.57 17.15
N ALA A 80 -2.80 28.86 17.97
CA ALA A 80 -2.59 30.24 18.41
C ALA A 80 -1.18 30.46 18.95
N VAL A 81 -0.75 31.71 19.01
CA VAL A 81 0.54 32.03 19.63
C VAL A 81 0.46 33.27 20.53
N VAL A 82 1.24 33.26 21.60
CA VAL A 82 1.56 34.49 22.32
C VAL A 82 3.05 34.70 22.05
N SER A 83 3.39 35.66 21.20
CA SER A 83 4.73 35.65 20.58
C SER A 83 5.74 36.62 21.17
N GLU A 84 5.41 37.20 22.33
CA GLU A 84 6.36 38.01 23.10
C GLU A 84 6.66 37.26 24.38
N GLU A 85 7.92 37.27 24.81
CA GLU A 85 8.31 36.68 26.09
C GLU A 85 7.40 37.14 27.22
N PRO A 86 6.95 36.22 28.08
CA PRO A 86 7.03 34.76 27.95
C PRO A 86 6.12 34.22 26.85
N ILE A 87 6.69 33.37 26.01
CA ILE A 87 6.07 32.91 24.77
C ILE A 87 5.22 31.66 24.97
N TYR A 88 4.04 31.61 24.37
CA TYR A 88 3.27 30.37 24.39
C TYR A 88 2.87 29.94 22.99
N ILE A 89 2.95 28.64 22.71
CA ILE A 89 2.45 28.10 21.44
C ILE A 89 1.32 27.16 21.78
N VAL A 90 0.19 27.35 21.12
CA VAL A 90 -1.01 26.60 21.44
C VAL A 90 -1.35 25.71 20.24
N CYS A 91 -1.46 24.41 20.50
CA CYS A 91 -1.75 23.43 19.46
C CYS A 91 -2.87 22.48 19.85
N GLU A 92 -3.38 21.75 18.86
CA GLU A 92 -4.37 20.71 19.02
C GLU A 92 -3.93 19.77 20.14
N TYR A 93 -4.85 19.46 21.06
CA TYR A 93 -4.60 18.50 22.13
C TYR A 93 -4.77 17.05 21.62
N MET A 94 -3.72 16.25 21.81
CA MET A 94 -3.74 14.85 21.40
C MET A 94 -3.82 13.98 22.66
N SER A 95 -5.00 13.40 22.86
CA SER A 95 -5.39 12.84 24.15
C SER A 95 -4.62 11.61 24.59
N LYS A 96 -4.00 10.88 23.66
CA LYS A 96 -3.26 9.65 24.07
C LYS A 96 -1.75 9.81 24.20
N GLY A 97 -1.22 11.01 24.08
CA GLY A 97 0.21 11.20 24.35
C GLY A 97 1.08 10.70 23.19
N SER A 98 2.36 10.49 23.44
CA SER A 98 3.30 10.19 22.38
C SER A 98 3.07 8.76 21.90
N LEU A 99 3.33 8.51 20.62
CA LEU A 99 3.18 7.18 20.06
C LEU A 99 4.17 6.27 20.78
N LEU A 100 5.38 6.77 21.02
CA LEU A 100 6.39 6.01 21.75
C LEU A 100 5.90 5.54 23.12
N ASP A 101 5.36 6.43 23.96
CA ASP A 101 4.81 5.99 25.27
C ASP A 101 3.63 5.05 25.09
N PHE A 102 2.88 5.27 24.00
CA PHE A 102 1.70 4.48 23.73
C PHE A 102 2.08 3.05 23.44
N LEU A 103 3.04 2.87 22.51
CA LEU A 103 3.52 1.55 22.15
C LEU A 103 4.11 0.81 23.36
N LYS A 104 4.78 1.53 24.24
CA LYS A 104 5.49 0.90 25.34
C LYS A 104 4.52 0.51 26.47
N GLY A 105 3.41 1.24 26.58
CA GLY A 105 2.50 1.11 27.70
C GLY A 105 1.47 0.00 27.64
N GLU A 106 0.52 0.06 28.55
CA GLU A 106 -0.50 -0.98 28.71
C GLU A 106 -1.34 -1.21 27.45
N MET A 107 -1.56 -0.16 26.65
CA MET A 107 -2.35 -0.30 25.43
C MET A 107 -1.55 -0.82 24.26
N GLY A 108 -0.24 -0.67 24.34
CA GLY A 108 0.61 -1.21 23.30
C GLY A 108 0.47 -2.72 23.27
N LYS A 109 0.33 -3.30 24.45
CA LYS A 109 0.37 -4.75 24.60
C LYS A 109 -0.59 -5.43 23.64
N TYR A 110 -1.73 -4.80 23.41
CA TYR A 110 -2.81 -5.43 22.66
C TYR A 110 -2.85 -5.06 21.18
N LEU A 111 -2.08 -4.05 20.77
CA LEU A 111 -1.96 -3.68 19.34
C LEU A 111 -1.43 -4.83 18.47
N ARG A 112 -2.06 -5.07 17.34
CA ARG A 112 -1.65 -6.14 16.45
C ARG A 112 -1.31 -5.50 15.11
N LEU A 113 -0.74 -6.27 14.20
CA LEU A 113 -0.29 -5.72 12.93
C LEU A 113 -1.33 -4.85 12.16
N PRO A 114 -2.60 -5.29 12.06
CA PRO A 114 -3.49 -4.36 11.35
C PRO A 114 -3.55 -2.95 11.98
N GLN A 115 -3.59 -2.82 13.32
CA GLN A 115 -3.64 -1.49 13.90
C GLN A 115 -2.33 -0.73 13.66
N LEU A 116 -1.21 -1.44 13.77
CA LEU A 116 0.11 -0.80 13.68
C LEU A 116 0.41 -0.30 12.26
N VAL A 117 0.00 -1.06 11.25
CA VAL A 117 0.14 -0.65 9.83
C VAL A 117 -0.77 0.53 9.51
N ASP A 118 -1.98 0.53 10.05
CA ASP A 118 -2.87 1.65 9.86
C ASP A 118 -2.29 2.96 10.49
N MET A 119 -1.64 2.85 11.63
CA MET A 119 -0.97 4.00 12.23
C MET A 119 0.17 4.48 11.32
N ALA A 120 0.93 3.53 10.80
CA ALA A 120 2.02 3.85 9.86
C ALA A 120 1.48 4.55 8.61
N ALA A 121 0.32 4.09 8.10
CA ALA A 121 -0.27 4.70 6.90
C ALA A 121 -0.69 6.15 7.18
N GLN A 122 -1.21 6.41 8.38
CA GLN A 122 -1.57 7.77 8.82
C GLN A 122 -0.34 8.67 8.84
N ILE A 123 0.72 8.16 9.45
CA ILE A 123 1.95 8.93 9.56
C ILE A 123 2.50 9.22 8.15
N ALA A 124 2.48 8.19 7.31
CA ALA A 124 2.93 8.29 5.93
C ALA A 124 2.08 9.31 5.16
N SER A 125 0.78 9.36 5.46
CA SER A 125 -0.09 10.39 4.89
C SER A 125 0.31 11.82 5.31
N GLY A 126 0.62 12.05 6.58
CA GLY A 126 1.11 13.37 7.00
C GLY A 126 2.44 13.74 6.31
N MET A 127 3.31 12.76 6.16
CA MET A 127 4.63 12.98 5.57
C MET A 127 4.52 13.13 4.03
N ALA A 128 3.50 12.51 3.43
CA ALA A 128 3.27 12.71 2.00
C ALA A 128 2.87 14.16 1.80
N TYR A 129 2.11 14.71 2.74
CA TYR A 129 1.71 16.10 2.64
C TYR A 129 2.93 17.00 2.72
N VAL A 130 3.80 16.72 3.69
CA VAL A 130 5.02 17.46 3.90
C VAL A 130 5.87 17.38 2.64
N GLU A 131 5.92 16.20 2.05
CA GLU A 131 6.62 15.96 0.79
C GLU A 131 6.07 16.85 -0.38
N ARG A 132 4.75 16.88 -0.56
CA ARG A 132 4.09 17.73 -1.57
C ARG A 132 4.36 19.21 -1.33
N MET A 133 4.50 19.61 -0.07
CA MET A 133 4.76 21.02 0.28
C MET A 133 6.24 21.39 0.16
N ASN A 134 7.07 20.41 -0.16
CA ASN A 134 8.51 20.67 -0.26
C ASN A 134 9.14 21.05 1.07
N TYR A 135 8.63 20.46 2.14
CA TYR A 135 9.29 20.64 3.42
C TYR A 135 10.06 19.40 3.83
N VAL A 136 10.78 19.51 4.94
CA VAL A 136 11.52 18.39 5.50
C VAL A 136 11.25 18.41 7.00
N HIS A 137 11.18 17.25 7.63
CA HIS A 137 10.86 17.24 9.07
C HIS A 137 12.15 17.23 9.86
N ARG A 138 12.99 16.22 9.59
CA ARG A 138 14.34 16.13 10.14
C ARG A 138 14.37 15.39 11.47
N ASP A 139 13.21 15.16 12.09
CA ASP A 139 13.25 14.48 13.39
C ASP A 139 12.10 13.51 13.50
N LEU A 140 11.81 12.82 12.40
CA LEU A 140 10.69 11.90 12.38
C LEU A 140 11.05 10.68 13.23
N ARG A 141 10.22 10.34 14.21
CA ARG A 141 10.42 9.16 15.04
C ARG A 141 9.20 9.03 15.97
N ALA A 142 9.01 7.89 16.61
CA ALA A 142 7.77 7.65 17.39
C ALA A 142 7.54 8.64 18.55
N ALA A 143 8.61 9.23 19.09
CA ALA A 143 8.47 10.22 20.17
C ALA A 143 7.89 11.53 19.65
N ASN A 144 7.92 11.69 18.31
CA ASN A 144 7.38 12.89 17.66
C ASN A 144 6.06 12.64 16.91
N ILE A 145 5.44 11.51 17.17
CA ILE A 145 4.10 11.29 16.67
C ILE A 145 3.20 11.29 17.89
N LEU A 146 2.00 11.87 17.78
CA LEU A 146 1.04 11.93 18.86
C LEU A 146 -0.21 11.16 18.47
N VAL A 147 -0.79 10.51 19.46
CA VAL A 147 -1.96 9.67 19.26
C VAL A 147 -3.18 10.33 19.87
N GLY A 148 -4.30 10.27 19.16
CA GLY A 148 -5.53 10.91 19.62
C GLY A 148 -6.63 9.87 19.82
N GLU A 149 -7.89 10.30 19.82
CA GLU A 149 -8.97 9.33 19.98
C GLU A 149 -9.09 8.43 18.74
N ASN A 150 -9.43 7.17 18.96
CA ASN A 150 -9.69 6.25 17.87
C ASN A 150 -8.36 5.93 17.14
N LEU A 151 -7.25 5.97 17.87
CA LEU A 151 -5.94 5.63 17.32
C LEU A 151 -5.50 6.48 16.12
N VAL A 152 -5.95 7.74 16.10
CA VAL A 152 -5.49 8.69 15.09
C VAL A 152 -4.06 9.02 15.47
N CYS A 153 -3.17 9.08 14.48
CA CYS A 153 -1.78 9.45 14.73
C CYS A 153 -1.42 10.66 13.92
N LYS A 154 -0.75 11.63 14.54
CA LYS A 154 -0.37 12.83 13.82
C LYS A 154 1.09 13.19 14.05
N VAL A 155 1.72 13.71 13.00
CA VAL A 155 3.12 14.17 13.06
C VAL A 155 3.24 15.50 13.83
N ALA A 156 4.21 15.58 14.74
CA ALA A 156 4.43 16.83 15.48
C ALA A 156 5.92 17.19 15.52
N ASP A 157 6.21 18.32 16.17
CA ASP A 157 7.59 18.67 16.54
C ASP A 157 8.54 18.72 15.35
N PHE A 158 8.15 19.43 14.30
CA PHE A 158 9.09 19.64 13.23
C PHE A 158 10.44 20.16 13.77
N GLY A 159 11.52 19.45 13.42
CA GLY A 159 12.87 19.84 13.80
C GLY A 159 13.32 21.05 13.00
N LEU A 160 12.68 21.23 11.85
CA LEU A 160 12.93 22.37 10.97
C LEU A 160 12.03 22.27 9.73
N ALA A 161 12.24 23.17 8.77
CA ALA A 161 11.46 23.19 7.54
C ALA A 161 12.36 23.38 6.33
N ARG A 162 11.76 23.56 5.15
CA ARG A 162 12.55 23.86 3.95
C ARG A 162 11.73 24.58 2.88
N PRO A 178 19.88 12.46 17.07
CA PRO A 178 19.46 11.08 17.28
C PRO A 178 19.89 10.24 16.09
N ILE A 179 21.13 9.75 16.16
CA ILE A 179 21.79 9.09 15.03
C ILE A 179 21.10 7.80 14.60
N LYS A 180 20.50 7.11 15.55
CA LYS A 180 19.89 5.83 15.23
C LYS A 180 18.69 6.01 14.27
N TRP A 181 18.09 7.20 14.23
CA TRP A 181 16.95 7.48 13.35
C TRP A 181 17.32 8.30 12.10
N THR A 182 18.59 8.70 12.00
CA THR A 182 18.96 9.69 11.00
C THR A 182 19.63 8.99 9.86
N ALA A 183 19.26 9.34 8.63
CA ALA A 183 19.93 8.75 7.48
C ALA A 183 21.43 9.10 7.56
N PRO A 184 22.32 8.17 7.14
CA PRO A 184 23.78 8.36 7.17
C PRO A 184 24.27 9.62 6.42
N GLU A 185 23.68 9.94 5.28
CA GLU A 185 24.08 11.17 4.57
C GLU A 185 23.67 12.43 5.34
N ALA A 186 22.58 12.34 6.10
CA ALA A 186 22.19 13.49 6.92
C ALA A 186 23.11 13.64 8.14
N ALA A 187 23.29 12.56 8.88
CA ALA A 187 24.18 12.59 10.04
C ALA A 187 25.63 12.97 9.69
N LEU A 188 26.12 12.52 8.56
CA LEU A 188 27.56 12.72 8.25
C LEU A 188 27.83 14.07 7.56
N TYR A 189 27.04 14.39 6.55
CA TYR A 189 27.30 15.52 5.66
C TYR A 189 26.28 16.65 5.79
N GLY A 190 25.30 16.49 6.67
CA GLY A 190 24.25 17.47 6.81
C GLY A 190 23.28 17.55 5.64
N ARG A 191 23.24 16.52 4.80
CA ARG A 191 22.26 16.47 3.69
C ARG A 191 20.88 15.99 4.16
N PHE A 192 20.12 16.90 4.75
CA PHE A 192 18.73 16.61 5.16
C PHE A 192 17.73 16.89 4.03
N THR A 193 16.98 15.86 3.63
CA THR A 193 15.97 16.01 2.59
C THR A 193 14.79 15.14 2.95
N ILE A 194 13.74 15.20 2.12
CA ILE A 194 12.58 14.35 2.30
C ILE A 194 13.00 12.88 2.30
N LYS A 195 14.10 12.58 1.62
CA LYS A 195 14.59 11.20 1.54
C LYS A 195 15.29 10.76 2.83
N SER A 196 15.93 11.68 3.54
CA SER A 196 16.37 11.30 4.87
C SER A 196 15.15 11.13 5.80
N ASP A 197 14.05 11.83 5.57
CA ASP A 197 12.84 11.53 6.37
C ASP A 197 12.35 10.11 6.08
N VAL A 198 12.40 9.71 4.81
CA VAL A 198 12.01 8.35 4.42
C VAL A 198 12.80 7.30 5.19
N TRP A 199 14.12 7.51 5.28
CA TRP A 199 14.95 6.61 6.10
C TRP A 199 14.44 6.55 7.56
N SER A 200 14.17 7.72 8.14
CA SER A 200 13.68 7.79 9.51
C SER A 200 12.35 7.02 9.63
N PHE A 201 11.49 7.18 8.64
CA PHE A 201 10.23 6.46 8.62
C PHE A 201 10.47 4.93 8.66
N GLY A 202 11.45 4.43 7.93
CA GLY A 202 11.76 3.01 7.99
C GLY A 202 12.12 2.61 9.44
N ILE A 203 12.87 3.47 10.12
CA ILE A 203 13.22 3.21 11.51
C ILE A 203 11.96 3.26 12.36
N LEU A 204 11.11 4.23 12.10
CA LEU A 204 9.81 4.32 12.79
C LEU A 204 9.02 3.01 12.62
N LEU A 205 9.13 2.39 11.46
CA LEU A 205 8.41 1.13 11.24
C LEU A 205 8.89 0.04 12.21
N THR A 206 10.18 0.01 12.52
CA THR A 206 10.67 -0.94 13.53
C THR A 206 10.17 -0.60 14.92
N GLU A 207 10.10 0.69 15.27
CA GLU A 207 9.50 1.06 16.56
C GLU A 207 8.05 0.51 16.62
N LEU A 208 7.32 0.62 15.52
CA LEU A 208 5.92 0.18 15.51
C LEU A 208 5.82 -1.33 15.70
N THR A 209 6.64 -2.08 14.99
CA THR A 209 6.54 -3.54 15.02
C THR A 209 7.28 -4.21 16.23
N THR A 210 8.05 -3.44 17.00
CA THR A 210 8.67 -3.94 18.26
C THR A 210 7.99 -3.34 19.50
N LYS A 211 6.85 -2.68 19.31
CA LYS A 211 6.18 -2.02 20.42
C LYS A 211 7.09 -0.97 21.06
N GLY A 212 7.84 -0.27 20.23
CA GLY A 212 8.57 0.90 20.71
C GLY A 212 9.97 0.66 21.24
N ARG A 213 10.58 -0.48 20.94
CA ARG A 213 11.96 -0.68 21.35
C ARG A 213 12.93 0.26 20.64
N VAL A 214 13.98 0.68 21.33
CA VAL A 214 15.06 1.44 20.70
C VAL A 214 15.67 0.60 19.57
N PRO A 215 15.89 1.20 18.39
CA PRO A 215 16.47 0.52 17.20
C PRO A 215 17.91 0.07 17.48
N TYR A 216 18.44 -0.88 16.71
CA TYR A 216 19.84 -1.30 16.84
C TYR A 216 20.20 -1.66 18.29
N PRO A 217 19.42 -2.59 18.90
CA PRO A 217 19.51 -2.83 20.36
C PRO A 217 20.94 -3.21 20.75
N GLY A 218 21.47 -2.64 21.82
CA GLY A 218 22.80 -2.96 22.27
C GLY A 218 23.93 -2.40 21.40
N MET A 219 23.62 -1.51 20.46
CA MET A 219 24.66 -0.77 19.76
C MET A 219 24.71 0.69 20.22
N VAL A 220 25.91 1.25 20.33
CA VAL A 220 26.03 2.69 20.57
C VAL A 220 26.08 3.44 19.23
N ASN A 221 25.90 4.76 19.28
CA ASN A 221 25.75 5.59 18.09
C ASN A 221 26.82 5.38 17.05
N ARG A 222 28.08 5.27 17.51
CA ARG A 222 29.21 5.22 16.59
C ARG A 222 29.28 3.86 15.91
N GLU A 223 28.99 2.82 16.67
CA GLU A 223 28.85 1.49 16.10
C GLU A 223 27.72 1.46 15.05
N VAL A 224 26.60 2.13 15.36
CA VAL A 224 25.48 2.19 14.38
C VAL A 224 25.93 2.85 13.06
N LEU A 225 26.55 4.01 13.18
CA LEU A 225 26.98 4.77 12.03
C LEU A 225 27.99 3.98 11.22
N ASP A 226 28.98 3.41 11.89
CA ASP A 226 29.96 2.56 11.24
C ASP A 226 29.35 1.36 10.51
N GLN A 227 28.48 0.61 11.20
CA GLN A 227 27.85 -0.57 10.62
C GLN A 227 26.88 -0.23 9.51
N VAL A 228 26.14 0.87 9.66
CA VAL A 228 25.19 1.23 8.62
C VAL A 228 25.93 1.56 7.32
N GLU A 229 27.08 2.22 7.45
CA GLU A 229 27.99 2.47 6.33
C GLU A 229 28.46 1.19 5.65
N ARG A 230 28.74 0.16 6.43
CA ARG A 230 29.23 -1.10 5.89
C ARG A 230 28.09 -1.98 5.32
N GLY A 231 26.89 -1.40 5.22
CA GLY A 231 25.75 -2.13 4.65
C GLY A 231 24.88 -2.83 5.71
N TYR A 232 25.23 -2.71 6.99
CA TYR A 232 24.38 -3.30 8.02
C TYR A 232 22.97 -2.69 8.07
N ARG A 233 21.96 -3.54 8.19
CA ARG A 233 20.59 -3.09 8.39
C ARG A 233 19.93 -3.98 9.47
N MET A 234 19.02 -3.43 10.26
CA MET A 234 18.27 -4.25 11.21
C MET A 234 17.59 -5.41 10.52
N PRO A 235 17.52 -6.58 11.18
CA PRO A 235 16.86 -7.77 10.61
C PRO A 235 15.33 -7.62 10.74
N CYS A 236 14.59 -8.56 10.16
CA CYS A 236 13.13 -8.61 10.29
C CYS A 236 12.81 -8.90 11.77
N PRO A 237 12.03 -8.02 12.42
CA PRO A 237 11.58 -8.27 13.79
C PRO A 237 10.72 -9.54 13.90
N PRO A 238 10.69 -10.14 15.11
CA PRO A 238 9.89 -11.36 15.25
C PRO A 238 8.39 -11.14 14.94
N GLU A 239 7.85 -12.04 14.11
CA GLU A 239 6.45 -12.01 13.67
C GLU A 239 6.11 -10.89 12.69
N CYS A 240 7.09 -10.08 12.32
CA CYS A 240 6.83 -9.07 11.31
C CYS A 240 6.98 -9.75 9.94
N PRO A 241 5.96 -9.63 9.05
CA PRO A 241 6.09 -10.26 7.71
C PRO A 241 7.33 -9.73 7.02
N GLU A 242 7.95 -10.58 6.21
CA GLU A 242 9.10 -10.19 5.41
C GLU A 242 8.76 -9.06 4.43
N SER A 243 7.54 -9.05 3.92
CA SER A 243 7.11 -7.99 3.01
C SER A 243 7.19 -6.59 3.65
N LEU A 244 6.87 -6.48 4.94
CA LEU A 244 6.99 -5.20 5.65
C LEU A 244 8.47 -4.89 5.95
N HIS A 245 9.25 -5.89 6.36
CA HIS A 245 10.66 -5.65 6.53
C HIS A 245 11.34 -5.23 5.19
N ASP A 246 10.87 -5.79 4.09
CA ASP A 246 11.39 -5.40 2.77
C ASP A 246 11.16 -3.91 2.52
N LEU A 247 10.01 -3.42 2.95
CA LEU A 247 9.69 -2.02 2.81
C LEU A 247 10.66 -1.18 3.65
N MET A 248 10.97 -1.66 4.86
CA MET A 248 11.95 -0.97 5.69
C MET A 248 13.26 -0.87 4.92
N CYS A 249 13.71 -1.99 4.36
CA CYS A 249 14.93 -2.06 3.56
C CYS A 249 15.00 -1.08 2.37
N GLN A 250 13.86 -0.85 1.73
CA GLN A 250 13.70 0.16 0.68
C GLN A 250 13.91 1.58 1.22
N CYS A 251 13.36 1.84 2.41
CA CYS A 251 13.54 3.13 3.09
C CYS A 251 14.99 3.34 3.47
N TRP A 252 15.75 2.25 3.59
CA TRP A 252 17.14 2.31 4.05
C TRP A 252 18.20 2.16 2.93
N ARG A 253 17.78 2.34 1.68
CA ARG A 253 18.75 2.28 0.59
C ARG A 253 19.81 3.36 0.77
N LYS A 254 21.05 3.00 0.44
CA LYS A 254 22.19 3.88 0.62
C LYS A 254 22.03 5.14 -0.23
N ASP A 255 21.58 4.96 -1.46
CA ASP A 255 21.36 6.10 -2.33
C ASP A 255 20.03 6.72 -1.97
N PRO A 256 20.03 8.00 -1.55
CA PRO A 256 18.78 8.63 -1.09
C PRO A 256 17.68 8.60 -2.14
N GLU A 257 18.07 8.79 -3.39
CA GLU A 257 17.12 8.89 -4.50
C GLU A 257 16.51 7.55 -4.90
N GLU A 258 17.14 6.44 -4.48
CA GLU A 258 16.55 5.09 -4.61
C GLU A 258 15.43 4.78 -3.58
N ARG A 259 15.27 5.59 -2.53
CA ARG A 259 14.25 5.31 -1.49
C ARG A 259 12.84 5.69 -1.97
N PRO A 260 11.81 4.96 -1.51
CA PRO A 260 10.46 5.27 -2.02
C PRO A 260 10.00 6.66 -1.59
N THR A 261 8.98 7.20 -2.26
CA THR A 261 8.37 8.43 -1.79
C THR A 261 7.38 8.11 -0.67
N PHE A 262 7.00 9.12 0.09
CA PHE A 262 5.94 9.00 1.07
C PHE A 262 4.55 8.72 0.42
N GLU A 263 4.32 9.26 -0.77
CA GLU A 263 3.12 8.96 -1.52
C GLU A 263 3.06 7.44 -1.78
N TYR A 264 4.19 6.87 -2.18
CA TYR A 264 4.30 5.41 -2.35
C TYR A 264 4.08 4.61 -1.03
N LEU A 265 4.73 5.05 0.06
CA LEU A 265 4.57 4.39 1.36
C LEU A 265 3.12 4.44 1.85
N GLN A 266 2.52 5.62 1.77
CA GLN A 266 1.12 5.74 2.15
C GLN A 266 0.22 4.72 1.43
N ALA A 267 0.37 4.62 0.11
CA ALA A 267 -0.47 3.73 -0.72
C ALA A 267 -0.19 2.27 -0.38
N PHE A 268 1.09 1.93 -0.32
CA PHE A 268 1.49 0.58 0.04
C PHE A 268 0.92 0.14 1.39
N LEU A 269 0.95 1.03 2.38
CA LEU A 269 0.51 0.66 3.73
C LEU A 269 -1.02 0.66 3.84
N GLU A 270 -1.67 1.62 3.20
CA GLU A 270 -3.12 1.64 3.13
C GLU A 270 -3.66 0.35 2.48
N ASP A 271 -2.97 -0.17 1.46
CA ASP A 271 -3.48 -1.34 0.73
C ASP A 271 -2.93 -2.66 1.25
N TYR A 272 -2.09 -2.59 2.27
CA TYR A 272 -1.28 -3.73 2.70
C TYR A 272 -2.00 -5.06 2.86
N PHE A 273 -3.10 -5.09 3.59
CA PHE A 273 -3.77 -6.35 3.90
C PHE A 273 -4.58 -6.95 2.72
N THR A 274 -4.70 -6.23 1.61
CA THR A 274 -5.34 -6.81 0.41
C THR A 274 -4.30 -7.13 -0.65
N SER A 275 -3.41 -6.18 -0.93
CA SER A 275 -2.46 -6.33 -2.04
C SER A 275 -1.19 -7.09 -1.67
N THR A 276 -0.80 -7.06 -0.41
CA THR A 276 0.55 -7.56 -0.05
C THR A 276 0.53 -8.77 0.88
N GLU A 277 -0.27 -8.72 1.95
CA GLU A 277 -0.39 -9.87 2.84
C GLU A 277 -1.86 -10.20 3.03
N PRO A 278 -2.51 -10.72 1.96
CA PRO A 278 -3.94 -11.05 2.11
C PRO A 278 -4.12 -12.30 2.96
N GLN A 279 -3.03 -13.00 3.27
CA GLN A 279 -3.14 -14.25 4.01
C GLN A 279 -2.82 -14.05 5.50
N TYR A 280 -2.72 -12.79 5.93
CA TYR A 280 -2.25 -12.47 7.28
C TYR A 280 -3.11 -13.15 8.34
N GLN A 281 -2.43 -13.83 9.28
CA GLN A 281 -3.11 -14.41 10.46
C GLN A 281 -2.45 -13.88 11.72
N PRO A 282 -3.27 -13.39 12.68
CA PRO A 282 -2.72 -12.86 13.94
C PRO A 282 -1.87 -13.89 14.71
N GLY A 283 -0.80 -13.42 15.30
CA GLY A 283 0.11 -14.27 16.08
C GLY A 283 0.07 -13.85 17.54
N GLU A 284 1.10 -14.23 18.30
CA GLU A 284 1.12 -13.92 19.72
C GLU A 284 1.25 -12.42 20.02
N ASN A 285 2.08 -11.71 19.23
CA ASN A 285 2.34 -10.28 19.46
C ASN A 285 1.99 -9.33 18.29
N LEU A 286 2.02 -9.85 17.06
CA LEU A 286 1.66 -9.06 15.87
C LEU A 286 0.56 -9.76 15.07
N ALA B 9 -5.73 -44.20 -13.63
CA ALA B 9 -5.88 -43.96 -15.07
C ALA B 9 -5.52 -42.52 -15.48
N LYS B 10 -4.26 -42.28 -15.79
CA LYS B 10 -3.75 -40.94 -16.12
C LYS B 10 -3.95 -40.58 -17.59
N ASP B 11 -3.99 -39.28 -17.90
CA ASP B 11 -4.10 -38.87 -19.30
C ASP B 11 -2.74 -38.44 -19.82
N ALA B 12 -2.70 -37.98 -21.06
CA ALA B 12 -1.43 -37.59 -21.67
C ALA B 12 -0.86 -36.27 -21.18
N TRP B 13 -1.52 -35.63 -20.22
CA TRP B 13 -0.96 -34.44 -19.58
C TRP B 13 -0.02 -34.82 -18.44
N GLU B 14 -0.24 -36.01 -17.87
CA GLU B 14 0.56 -36.52 -16.77
C GLU B 14 2.06 -36.65 -17.09
N ILE B 15 2.91 -36.23 -16.15
CA ILE B 15 4.36 -36.44 -16.26
C ILE B 15 4.92 -37.05 -14.98
N PRO B 16 6.18 -37.51 -15.05
CA PRO B 16 6.81 -38.04 -13.85
C PRO B 16 7.41 -36.91 -13.00
N ARG B 17 7.15 -36.97 -11.69
CA ARG B 17 7.63 -35.96 -10.76
C ARG B 17 9.13 -35.71 -10.93
N GLU B 18 9.84 -36.77 -11.30
CA GLU B 18 11.29 -36.75 -11.46
C GLU B 18 11.79 -35.79 -12.55
N SER B 19 10.94 -35.48 -13.52
CA SER B 19 11.31 -34.62 -14.65
C SER B 19 11.25 -33.14 -14.29
N LEU B 20 10.87 -32.86 -13.05
CA LEU B 20 10.76 -31.49 -12.51
C LEU B 20 11.85 -31.14 -11.50
N ARG B 21 12.51 -30.00 -11.71
CA ARG B 21 13.34 -29.40 -10.67
C ARG B 21 12.73 -28.06 -10.18
N LEU B 22 12.30 -28.01 -8.92
CA LEU B 22 11.87 -26.75 -8.28
C LEU B 22 13.07 -25.93 -7.79
N GLU B 23 13.27 -24.75 -8.36
CA GLU B 23 14.51 -23.98 -8.15
C GLU B 23 14.42 -22.74 -7.25
N VAL B 24 13.39 -21.93 -7.46
CA VAL B 24 13.20 -20.66 -6.75
C VAL B 24 11.72 -20.46 -6.43
N LYS B 25 11.40 -20.25 -5.16
CA LYS B 25 10.04 -19.99 -4.71
C LYS B 25 9.62 -18.61 -5.20
N LEU B 26 8.44 -18.50 -5.81
CA LEU B 26 7.98 -17.22 -6.35
C LEU B 26 6.86 -16.61 -5.51
N GLY B 27 6.03 -17.46 -4.91
CA GLY B 27 4.86 -17.01 -4.17
C GLY B 27 4.31 -18.07 -3.24
N GLN B 28 3.35 -17.67 -2.41
CA GLN B 28 2.84 -18.51 -1.32
C GLN B 28 1.36 -18.87 -1.51
N GLY B 32 -1.22 -23.97 -1.27
CA GLY B 32 0.20 -24.26 -1.42
C GLY B 32 1.07 -23.14 -2.00
N GLU B 33 1.94 -23.47 -2.96
CA GLU B 33 3.01 -22.57 -3.42
C GLU B 33 3.24 -22.50 -4.94
N VAL B 34 4.09 -21.56 -5.37
CA VAL B 34 4.41 -21.39 -6.77
C VAL B 34 5.91 -21.20 -6.87
N TRP B 35 6.55 -22.04 -7.69
CA TRP B 35 8.01 -22.03 -7.88
C TRP B 35 8.35 -21.80 -9.33
N MET B 36 9.48 -21.15 -9.59
CA MET B 36 10.13 -21.23 -10.88
C MET B 36 10.90 -22.54 -10.91
N GLY B 37 11.08 -23.10 -12.08
CA GLY B 37 11.72 -24.40 -12.20
C GLY B 37 12.15 -24.76 -13.61
N THR B 38 12.60 -25.99 -13.77
CA THR B 38 12.95 -26.49 -15.09
C THR B 38 12.33 -27.88 -15.32
N TRP B 39 12.00 -28.13 -16.58
CA TRP B 39 11.27 -29.32 -16.99
C TRP B 39 12.14 -30.09 -17.97
N ASN B 40 12.26 -31.40 -17.77
CA ASN B 40 13.13 -32.22 -18.61
C ASN B 40 14.46 -31.53 -18.87
N GLY B 41 14.99 -30.88 -17.84
CA GLY B 41 16.29 -30.23 -17.88
C GLY B 41 16.41 -29.01 -18.78
N THR B 42 15.50 -28.87 -19.74
CA THR B 42 15.69 -27.89 -20.80
C THR B 42 14.74 -26.69 -20.76
N THR B 43 13.57 -26.88 -20.16
CA THR B 43 12.47 -25.94 -20.31
C THR B 43 12.16 -25.19 -19.01
N ARG B 44 12.23 -23.87 -19.04
CA ARG B 44 11.86 -23.06 -17.87
C ARG B 44 10.32 -23.04 -17.72
N VAL B 45 9.85 -23.34 -16.51
CA VAL B 45 8.43 -23.43 -16.23
C VAL B 45 8.08 -22.80 -14.87
N ALA B 46 6.80 -22.55 -14.62
CA ALA B 46 6.30 -22.20 -13.31
C ALA B 46 5.61 -23.43 -12.83
N ILE B 47 5.73 -23.67 -11.53
CA ILE B 47 5.13 -24.84 -10.92
C ILE B 47 4.30 -24.43 -9.71
N LYS B 48 3.03 -24.81 -9.71
CA LYS B 48 2.17 -24.57 -8.58
C LYS B 48 1.97 -25.87 -7.79
N THR B 49 2.32 -25.86 -6.50
CA THR B 49 2.15 -27.00 -5.59
C THR B 49 0.89 -26.92 -4.73
N LEU B 50 0.36 -28.07 -4.33
CA LEU B 50 -0.74 -28.10 -3.37
C LEU B 50 -0.23 -28.39 -1.96
N LYS B 51 -0.95 -27.90 -0.95
CA LYS B 51 -0.66 -28.23 0.44
C LYS B 51 -1.54 -29.41 0.89
N PRO B 52 -0.92 -30.57 1.14
CA PRO B 52 -1.61 -31.82 1.46
C PRO B 52 -2.82 -31.64 2.37
N THR B 54 -4.66 -29.15 3.34
CA THR B 54 -5.25 -27.85 3.00
C THR B 54 -6.44 -27.99 2.06
N MET B 55 -6.17 -28.16 0.77
CA MET B 55 -7.21 -28.39 -0.23
C MET B 55 -7.29 -29.85 -0.64
N SER B 56 -8.49 -30.31 -0.99
CA SER B 56 -8.68 -31.66 -1.46
C SER B 56 -8.04 -31.84 -2.82
N PRO B 57 -7.27 -32.92 -3.01
CA PRO B 57 -6.58 -33.17 -4.27
C PRO B 57 -7.52 -33.09 -5.48
N GLU B 58 -8.69 -33.69 -5.37
CA GLU B 58 -9.66 -33.68 -6.47
C GLU B 58 -10.04 -32.25 -6.85
N ALA B 59 -10.05 -31.37 -5.85
CA ALA B 59 -10.47 -29.99 -6.04
C ALA B 59 -9.37 -29.11 -6.61
N PHE B 60 -8.14 -29.34 -6.15
CA PHE B 60 -6.98 -28.58 -6.59
C PHE B 60 -6.64 -28.85 -8.07
N LEU B 61 -7.18 -29.95 -8.59
CA LEU B 61 -6.87 -30.39 -9.95
C LEU B 61 -7.81 -29.87 -11.02
N GLN B 62 -9.03 -29.51 -10.63
CA GLN B 62 -9.99 -28.99 -11.60
C GLN B 62 -9.51 -27.71 -12.29
N GLU B 63 -8.55 -27.01 -11.68
CA GLU B 63 -7.95 -25.81 -12.27
C GLU B 63 -7.12 -26.19 -13.49
N ALA B 64 -6.46 -27.33 -13.41
CA ALA B 64 -5.73 -27.89 -14.53
C ALA B 64 -6.69 -28.60 -15.50
N GLN B 65 -7.70 -29.25 -14.94
CA GLN B 65 -8.77 -29.83 -15.72
C GLN B 65 -9.39 -28.80 -16.69
N VAL B 66 -9.58 -27.57 -16.19
CA VAL B 66 -10.13 -26.48 -16.99
C VAL B 66 -9.09 -26.04 -18.00
N MET B 67 -7.86 -25.90 -17.50
CA MET B 67 -6.77 -25.43 -18.31
C MET B 67 -6.37 -26.41 -19.38
N LYS B 68 -6.80 -27.67 -19.25
CA LYS B 68 -6.53 -28.69 -20.30
C LYS B 68 -7.27 -28.36 -21.58
N LYS B 69 -8.52 -27.92 -21.43
CA LYS B 69 -9.37 -27.62 -22.57
C LYS B 69 -9.08 -26.26 -23.19
N LEU B 70 -8.59 -25.32 -22.38
CA LEU B 70 -8.38 -23.95 -22.84
C LEU B 70 -6.94 -23.74 -23.33
N ARG B 71 -6.82 -23.28 -24.57
CA ARG B 71 -5.52 -22.97 -25.16
C ARG B 71 -5.65 -21.67 -25.93
N HIS B 72 -4.92 -20.65 -25.51
CA HIS B 72 -5.01 -19.33 -26.13
C HIS B 72 -3.80 -18.48 -25.74
N GLU B 73 -3.42 -17.59 -26.65
CA GLU B 73 -2.22 -16.78 -26.55
C GLU B 73 -2.20 -15.89 -25.27
N LYS B 74 -3.39 -15.52 -24.80
CA LYS B 74 -3.53 -14.59 -23.67
C LYS B 74 -4.02 -15.25 -22.40
N LEU B 75 -3.93 -16.59 -22.38
CA LEU B 75 -4.08 -17.40 -21.17
C LEU B 75 -2.77 -18.11 -20.90
N VAL B 76 -2.26 -18.06 -19.66
CA VAL B 76 -1.04 -18.81 -19.27
C VAL B 76 -1.18 -20.32 -19.57
N GLN B 77 -0.25 -20.85 -20.38
CA GLN B 77 -0.41 -22.19 -20.96
C GLN B 77 -0.05 -23.32 -20.01
N LEU B 78 -0.96 -24.28 -19.87
CA LEU B 78 -0.67 -25.50 -19.13
C LEU B 78 0.35 -26.34 -19.90
N TYR B 79 1.40 -26.81 -19.23
CA TYR B 79 2.35 -27.73 -19.86
C TYR B 79 2.12 -29.19 -19.44
N ALA B 80 1.97 -29.42 -18.14
CA ALA B 80 1.94 -30.78 -17.64
C ALA B 80 1.35 -30.84 -16.23
N VAL B 81 1.03 -32.04 -15.76
CA VAL B 81 0.40 -32.23 -14.45
C VAL B 81 0.96 -33.47 -13.73
N VAL B 82 1.17 -33.35 -12.42
CA VAL B 82 1.54 -34.47 -11.57
C VAL B 82 0.36 -34.72 -10.65
N SER B 83 -0.40 -35.79 -10.92
CA SER B 83 -1.70 -35.98 -10.27
C SER B 83 -1.66 -36.71 -8.95
N GLU B 84 -0.46 -37.11 -8.52
CA GLU B 84 -0.29 -37.81 -7.23
C GLU B 84 0.41 -36.94 -6.18
N GLU B 85 -0.02 -37.08 -4.93
CA GLU B 85 0.63 -36.39 -3.82
C GLU B 85 2.15 -36.59 -3.80
N PRO B 86 2.92 -35.49 -3.72
CA PRO B 86 2.43 -34.11 -3.79
C PRO B 86 2.06 -33.65 -5.22
N ILE B 87 0.90 -33.02 -5.35
CA ILE B 87 0.38 -32.61 -6.66
C ILE B 87 1.10 -31.37 -7.21
N TYR B 88 1.37 -31.37 -8.52
CA TYR B 88 2.00 -30.23 -9.18
C TYR B 88 1.23 -29.83 -10.44
N ILE B 89 1.14 -28.53 -10.69
CA ILE B 89 0.61 -28.05 -11.95
C ILE B 89 1.72 -27.26 -12.63
N VAL B 90 2.07 -27.66 -13.85
CA VAL B 90 3.20 -27.06 -14.53
C VAL B 90 2.77 -26.14 -15.67
N CYS B 91 3.21 -24.89 -15.66
CA CYS B 91 2.70 -23.94 -16.63
C CYS B 91 3.78 -23.01 -17.15
N GLU B 92 3.41 -22.29 -18.19
CA GLU B 92 4.24 -21.31 -18.84
C GLU B 92 4.77 -20.32 -17.81
N TYR B 93 6.06 -19.99 -17.91
CA TYR B 93 6.70 -19.10 -16.95
C TYR B 93 6.56 -17.66 -17.41
N MET B 94 6.01 -16.82 -16.56
CA MET B 94 5.76 -15.43 -16.95
C MET B 94 6.75 -14.57 -16.18
N SER B 95 7.68 -13.99 -16.91
CA SER B 95 8.91 -13.45 -16.32
C SER B 95 8.72 -12.16 -15.54
N LYS B 96 7.60 -11.45 -15.69
CA LYS B 96 7.47 -10.18 -14.93
C LYS B 96 6.53 -10.26 -13.73
N GLY B 97 6.06 -11.46 -13.38
CA GLY B 97 5.27 -11.62 -12.16
C GLY B 97 3.83 -11.11 -12.34
N SER B 98 3.11 -10.91 -11.24
CA SER B 98 1.71 -10.53 -11.32
C SER B 98 1.56 -9.10 -11.82
N LEU B 99 0.46 -8.85 -12.51
CA LEU B 99 0.13 -7.50 -12.99
C LEU B 99 0.02 -6.56 -11.81
N LEU B 100 -0.62 -7.02 -10.75
CA LEU B 100 -0.71 -6.23 -9.54
C LEU B 100 0.67 -5.73 -9.05
N ASP B 101 1.62 -6.63 -8.81
CA ASP B 101 2.97 -6.18 -8.38
C ASP B 101 3.64 -5.31 -9.45
N PHE B 102 3.34 -5.60 -10.72
CA PHE B 102 3.89 -4.83 -11.85
C PHE B 102 3.45 -3.37 -11.79
N LEU B 103 2.14 -3.17 -11.59
CA LEU B 103 1.59 -1.83 -11.53
C LEU B 103 2.12 -1.03 -10.31
N LYS B 104 2.24 -1.71 -9.16
CA LYS B 104 2.67 -1.07 -7.90
C LYS B 104 4.18 -0.77 -7.92
N GLY B 105 4.97 -1.56 -8.66
CA GLY B 105 6.43 -1.44 -8.64
C GLY B 105 7.05 -0.31 -9.47
N GLU B 106 8.36 -0.43 -9.74
CA GLU B 106 9.13 0.58 -10.48
C GLU B 106 8.60 0.86 -11.90
N MET B 107 8.02 -0.14 -12.54
CA MET B 107 7.50 0.03 -13.89
C MET B 107 6.29 0.96 -13.94
N GLY B 108 5.62 1.10 -12.80
CA GLY B 108 4.36 1.80 -12.71
C GLY B 108 4.43 3.26 -13.12
N LYS B 109 5.50 3.95 -12.74
CA LYS B 109 5.63 5.39 -13.03
C LYS B 109 5.76 5.66 -14.54
N TYR B 110 6.10 4.65 -15.31
CA TYR B 110 6.28 4.84 -16.74
C TYR B 110 5.03 4.49 -17.54
N LEU B 111 4.18 3.65 -16.98
CA LEU B 111 2.97 3.21 -17.68
C LEU B 111 2.02 4.39 -17.85
N ARG B 112 1.65 4.69 -19.09
CA ARG B 112 0.63 5.68 -19.30
C ARG B 112 -0.58 5.00 -19.92
N LEU B 113 -1.63 5.78 -20.19
CA LEU B 113 -2.87 5.22 -20.72
C LEU B 113 -2.72 4.32 -21.97
N PRO B 114 -1.91 4.72 -22.98
CA PRO B 114 -1.80 3.80 -24.11
C PRO B 114 -1.26 2.42 -23.70
N GLN B 115 -0.32 2.36 -22.78
CA GLN B 115 0.20 1.05 -22.32
C GLN B 115 -0.85 0.32 -21.52
N LEU B 116 -1.55 1.05 -20.67
CA LEU B 116 -2.51 0.42 -19.77
C LEU B 116 -3.76 -0.05 -20.52
N VAL B 117 -4.13 0.63 -21.60
CA VAL B 117 -5.31 0.24 -22.34
C VAL B 117 -4.96 -1.01 -23.18
N ASP B 118 -3.72 -1.05 -23.62
CA ASP B 118 -3.25 -2.23 -24.38
C ASP B 118 -3.20 -3.51 -23.50
N MET B 119 -2.81 -3.36 -22.24
CA MET B 119 -2.86 -4.49 -21.32
C MET B 119 -4.31 -4.93 -21.10
N ALA B 120 -5.21 -3.97 -20.91
CA ALA B 120 -6.63 -4.25 -20.78
C ALA B 120 -7.14 -5.00 -22.04
N ALA B 121 -6.76 -4.54 -23.23
CA ALA B 121 -7.20 -5.18 -24.48
C ALA B 121 -6.73 -6.63 -24.53
N GLN B 122 -5.50 -6.89 -24.08
CA GLN B 122 -4.98 -8.25 -24.05
C GLN B 122 -5.80 -9.14 -23.11
N ILE B 123 -6.10 -8.63 -21.93
CA ILE B 123 -6.86 -9.39 -20.96
C ILE B 123 -8.26 -9.64 -21.53
N ALA B 124 -8.88 -8.60 -22.11
CA ALA B 124 -10.20 -8.78 -22.73
C ALA B 124 -10.14 -9.82 -23.85
N SER B 125 -8.99 -9.92 -24.51
CA SER B 125 -8.83 -10.93 -25.56
C SER B 125 -8.82 -12.37 -25.02
N GLY B 126 -8.00 -12.64 -24.00
CA GLY B 126 -8.06 -13.90 -23.30
C GLY B 126 -9.48 -14.22 -22.83
N MET B 127 -10.16 -13.22 -22.28
CA MET B 127 -11.49 -13.46 -21.72
C MET B 127 -12.57 -13.61 -22.81
N ALA B 128 -12.35 -12.98 -23.97
CA ALA B 128 -13.27 -13.16 -25.06
C ALA B 128 -13.15 -14.62 -25.51
N TYR B 129 -11.93 -15.14 -25.44
CA TYR B 129 -11.74 -16.55 -25.78
C TYR B 129 -12.51 -17.43 -24.78
N VAL B 130 -12.30 -17.19 -23.48
CA VAL B 130 -13.01 -17.92 -22.45
C VAL B 130 -14.53 -17.84 -22.70
N GLU B 131 -14.97 -16.68 -23.16
CA GLU B 131 -16.36 -16.42 -23.46
C GLU B 131 -16.85 -17.24 -24.68
N ARG B 132 -16.05 -17.34 -25.74
CA ARG B 132 -16.42 -18.16 -26.92
C ARG B 132 -16.52 -19.62 -26.52
N MET B 133 -15.64 -20.04 -25.61
CA MET B 133 -15.60 -21.42 -25.15
C MET B 133 -16.69 -21.71 -24.13
N ASN B 134 -17.55 -20.73 -23.82
CA ASN B 134 -18.56 -20.92 -22.79
C ASN B 134 -18.01 -21.32 -21.42
N TYR B 135 -16.84 -20.79 -21.08
CA TYR B 135 -16.34 -20.98 -19.72
C TYR B 135 -16.53 -19.75 -18.84
N VAL B 136 -16.16 -19.86 -17.56
CA VAL B 136 -16.27 -18.76 -16.61
C VAL B 136 -14.99 -18.73 -15.78
N HIS B 137 -14.46 -17.54 -15.53
CA HIS B 137 -13.19 -17.46 -14.78
C HIS B 137 -13.43 -17.49 -13.28
N ARG B 138 -14.29 -16.58 -12.81
CA ARG B 138 -14.69 -16.55 -11.38
C ARG B 138 -13.80 -15.76 -10.43
N ASP B 139 -12.56 -15.47 -10.82
CA ASP B 139 -11.68 -14.72 -9.92
C ASP B 139 -10.81 -13.78 -10.73
N LEU B 140 -11.42 -13.04 -11.66
CA LEU B 140 -10.67 -12.10 -12.49
C LEU B 140 -10.25 -10.84 -11.70
N ARG B 141 -8.95 -10.58 -11.66
CA ARG B 141 -8.37 -9.39 -10.97
C ARG B 141 -6.88 -9.32 -11.28
N ALA B 142 -6.24 -8.18 -11.02
CA ALA B 142 -4.84 -7.96 -11.46
C ALA B 142 -3.86 -8.96 -10.85
N ALA B 143 -4.15 -9.44 -9.64
CA ALA B 143 -3.29 -10.44 -8.98
C ALA B 143 -3.25 -11.76 -9.76
N ASN B 144 -4.24 -11.97 -10.62
CA ASN B 144 -4.38 -13.21 -11.37
C ASN B 144 -4.08 -12.98 -12.83
N ILE B 145 -3.49 -11.83 -13.13
CA ILE B 145 -2.96 -11.59 -14.48
C ILE B 145 -1.43 -11.59 -14.39
N LEU B 146 -0.77 -12.27 -15.33
CA LEU B 146 0.70 -12.41 -15.34
C LEU B 146 1.27 -11.62 -16.53
N VAL B 147 2.43 -11.03 -16.32
CA VAL B 147 3.04 -10.16 -17.32
C VAL B 147 4.32 -10.84 -17.75
N GLY B 148 4.60 -10.82 -19.03
CA GLY B 148 5.83 -11.38 -19.55
C GLY B 148 6.62 -10.29 -20.25
N GLU B 149 7.51 -10.69 -21.14
CA GLU B 149 8.29 -9.71 -21.90
C GLU B 149 7.38 -8.90 -22.81
N ASN B 150 7.76 -7.64 -23.06
CA ASN B 150 7.11 -6.84 -24.08
C ASN B 150 5.67 -6.44 -23.68
N LEU B 151 5.45 -6.32 -22.37
CA LEU B 151 4.16 -5.95 -21.81
C LEU B 151 3.04 -6.93 -22.18
N VAL B 152 3.39 -8.18 -22.42
CA VAL B 152 2.40 -9.22 -22.71
C VAL B 152 1.65 -9.55 -21.41
N CYS B 153 0.32 -9.55 -21.46
CA CYS B 153 -0.50 -9.93 -20.30
C CYS B 153 -1.32 -11.19 -20.54
N LYS B 154 -1.32 -12.10 -19.58
CA LYS B 154 -2.07 -13.34 -19.71
C LYS B 154 -2.86 -13.64 -18.44
N VAL B 155 -4.04 -14.21 -18.65
CA VAL B 155 -4.94 -14.58 -17.60
C VAL B 155 -4.52 -15.93 -17.03
N ALA B 156 -4.63 -16.07 -15.70
CA ALA B 156 -4.23 -17.30 -15.03
C ALA B 156 -5.16 -17.56 -13.84
N ASP B 157 -4.97 -18.69 -13.15
CA ASP B 157 -5.63 -18.96 -11.86
C ASP B 157 -7.17 -18.91 -11.91
N PHE B 158 -7.76 -19.64 -12.85
CA PHE B 158 -9.21 -19.78 -12.86
C PHE B 158 -9.67 -20.20 -11.44
N GLY B 159 -10.79 -19.64 -10.97
CA GLY B 159 -11.29 -19.98 -9.64
C GLY B 159 -12.19 -21.21 -9.62
N LEU B 160 -12.42 -21.79 -8.46
CA LEU B 160 -13.28 -22.99 -8.38
C LEU B 160 -14.35 -22.90 -7.29
N PRO B 178 -12.65 -11.91 -1.93
CA PRO B 178 -12.32 -10.96 -3.00
C PRO B 178 -13.61 -10.28 -3.40
N ILE B 179 -14.39 -9.88 -2.40
CA ILE B 179 -15.72 -9.35 -2.64
C ILE B 179 -15.73 -8.04 -3.41
N LYS B 180 -14.64 -7.24 -3.30
CA LYS B 180 -14.53 -5.98 -4.06
C LYS B 180 -14.41 -6.20 -5.58
N TRP B 181 -14.01 -7.39 -6.01
CA TRP B 181 -13.98 -7.71 -7.46
C TRP B 181 -15.22 -8.47 -7.96
N THR B 182 -16.11 -8.86 -7.04
CA THR B 182 -17.15 -9.83 -7.35
C THR B 182 -18.49 -9.18 -7.61
N ALA B 183 -19.09 -9.52 -8.76
CA ALA B 183 -20.44 -9.00 -9.05
C ALA B 183 -21.40 -9.37 -7.92
N PRO B 184 -22.28 -8.43 -7.53
CA PRO B 184 -23.22 -8.71 -6.42
C PRO B 184 -24.09 -9.97 -6.63
N GLU B 185 -24.59 -10.22 -7.84
CA GLU B 185 -25.40 -11.43 -8.05
C GLU B 185 -24.58 -12.69 -7.81
N ALA B 186 -23.26 -12.63 -8.06
CA ALA B 186 -22.37 -13.77 -7.78
C ALA B 186 -22.05 -13.91 -6.28
N ALA B 187 -21.69 -12.80 -5.64
CA ALA B 187 -21.39 -12.80 -4.22
C ALA B 187 -22.60 -13.20 -3.38
N LEU B 188 -23.78 -12.74 -3.77
CA LEU B 188 -24.97 -12.94 -2.97
C LEU B 188 -25.67 -14.27 -3.24
N TYR B 189 -25.74 -14.64 -4.52
CA TYR B 189 -26.60 -15.75 -4.96
C TYR B 189 -25.84 -16.90 -5.60
N GLY B 190 -24.53 -16.79 -5.67
CA GLY B 190 -23.73 -17.81 -6.33
C GLY B 190 -23.86 -17.83 -7.85
N ARG B 191 -24.51 -16.82 -8.42
CA ARG B 191 -24.60 -16.77 -9.90
C ARG B 191 -23.31 -16.31 -10.59
N PHE B 192 -22.33 -17.19 -10.69
CA PHE B 192 -21.09 -16.88 -11.44
C PHE B 192 -21.27 -17.16 -12.94
N THR B 193 -21.12 -16.13 -13.77
CA THR B 193 -21.24 -16.28 -15.21
C THR B 193 -20.23 -15.38 -15.90
N ILE B 194 -20.18 -15.46 -17.23
CA ILE B 194 -19.25 -14.66 -17.98
C ILE B 194 -19.57 -13.19 -17.68
N LYS B 195 -20.83 -12.89 -17.39
CA LYS B 195 -21.18 -11.49 -17.06
C LYS B 195 -20.70 -11.04 -15.67
N SER B 196 -20.62 -11.98 -14.72
CA SER B 196 -19.99 -11.62 -13.46
C SER B 196 -18.46 -11.44 -13.71
N ASP B 197 -17.91 -12.15 -14.69
CA ASP B 197 -16.51 -11.87 -15.06
C ASP B 197 -16.36 -10.47 -15.69
N VAL B 198 -17.38 -10.04 -16.44
CA VAL B 198 -17.34 -8.70 -17.05
C VAL B 198 -17.35 -7.65 -15.93
N TRP B 199 -18.14 -7.90 -14.88
CA TRP B 199 -18.14 -6.96 -13.75
C TRP B 199 -16.70 -6.86 -13.19
N SER B 200 -16.08 -8.02 -12.92
CA SER B 200 -14.71 -8.06 -12.38
C SER B 200 -13.75 -7.31 -13.31
N PHE B 201 -13.91 -7.52 -14.61
CA PHE B 201 -13.11 -6.81 -15.59
C PHE B 201 -13.19 -5.30 -15.40
N GLY B 202 -14.41 -4.76 -15.18
CA GLY B 202 -14.58 -3.34 -14.91
C GLY B 202 -13.76 -2.92 -13.70
N ILE B 203 -13.79 -3.75 -12.65
CA ILE B 203 -13.05 -3.41 -11.45
C ILE B 203 -11.52 -3.46 -11.75
N LEU B 204 -11.10 -4.45 -12.53
CA LEU B 204 -9.73 -4.56 -13.00
C LEU B 204 -9.27 -3.31 -13.74
N LEU B 205 -10.21 -2.67 -14.46
CA LEU B 205 -9.89 -1.43 -15.19
C LEU B 205 -9.52 -0.31 -14.23
N THR B 206 -10.20 -0.23 -13.06
CA THR B 206 -9.81 0.73 -12.03
C THR B 206 -8.38 0.43 -11.50
N GLU B 207 -8.03 -0.85 -11.33
CA GLU B 207 -6.68 -1.22 -10.92
C GLU B 207 -5.67 -0.72 -11.98
N LEU B 208 -5.93 -0.96 -13.26
CA LEU B 208 -5.04 -0.47 -14.31
C LEU B 208 -4.86 1.03 -14.24
N THR B 209 -5.95 1.79 -14.11
CA THR B 209 -5.87 3.24 -14.22
C THR B 209 -5.41 3.92 -12.94
N THR B 210 -5.38 3.20 -11.81
CA THR B 210 -4.85 3.76 -10.56
C THR B 210 -3.48 3.17 -10.26
N LYS B 211 -2.94 2.43 -11.22
CA LYS B 211 -1.65 1.79 -11.01
C LYS B 211 -1.74 0.80 -9.84
N GLY B 212 -2.88 0.12 -9.73
CA GLY B 212 -2.98 -1.01 -8.81
C GLY B 212 -3.52 -0.74 -7.41
N ARG B 213 -4.21 0.38 -7.21
CA ARG B 213 -4.82 0.66 -5.92
C ARG B 213 -5.97 -0.28 -5.66
N VAL B 214 -6.14 -0.68 -4.41
CA VAL B 214 -7.32 -1.43 -4.02
C VAL B 214 -8.60 -0.65 -4.41
N PRO B 215 -9.57 -1.32 -5.03
CA PRO B 215 -10.85 -0.62 -5.32
C PRO B 215 -11.59 -0.15 -4.05
N TYR B 216 -12.55 0.78 -4.24
CA TYR B 216 -13.38 1.27 -3.14
C TYR B 216 -12.56 1.76 -1.97
N PRO B 217 -11.66 2.73 -2.21
CA PRO B 217 -10.72 3.17 -1.16
C PRO B 217 -11.46 3.56 0.12
N GLY B 218 -11.00 3.06 1.27
CA GLY B 218 -11.59 3.41 2.55
C GLY B 218 -12.92 2.73 2.84
N MET B 219 -13.35 1.80 1.97
CA MET B 219 -14.49 0.95 2.29
C MET B 219 -14.01 -0.43 2.69
N VAL B 220 -14.56 -0.95 3.78
CA VAL B 220 -14.38 -2.35 4.17
C VAL B 220 -15.41 -3.21 3.44
N ASN B 221 -15.17 -4.51 3.40
CA ASN B 221 -16.01 -5.39 2.58
C ASN B 221 -17.51 -5.22 2.78
N ARG B 222 -17.98 -5.31 4.03
CA ARG B 222 -19.43 -5.25 4.31
C ARG B 222 -20.01 -3.96 3.75
N GLU B 223 -19.24 -2.89 3.88
CA GLU B 223 -19.61 -1.59 3.35
C GLU B 223 -19.79 -1.69 1.81
N VAL B 224 -19.05 -2.61 1.15
CA VAL B 224 -19.06 -2.69 -0.33
C VAL B 224 -20.32 -3.26 -0.91
N LEU B 225 -20.61 -4.51 -0.56
CA LEU B 225 -21.75 -5.22 -1.11
C LEU B 225 -23.06 -4.46 -0.85
N ASP B 226 -23.14 -3.78 0.27
CA ASP B 226 -24.31 -2.98 0.58
C ASP B 226 -24.37 -1.67 -0.22
N GLN B 227 -23.25 -0.97 -0.30
CA GLN B 227 -23.19 0.25 -1.09
C GLN B 227 -23.45 -0.03 -2.57
N VAL B 228 -22.88 -1.12 -3.07
CA VAL B 228 -23.04 -1.47 -4.48
C VAL B 228 -24.50 -1.82 -4.81
N GLU B 229 -25.18 -2.50 -3.88
CA GLU B 229 -26.61 -2.79 -4.03
C GLU B 229 -27.44 -1.53 -4.10
N ARG B 230 -26.97 -0.51 -3.41
CA ARG B 230 -27.71 0.75 -3.35
C ARG B 230 -27.33 1.67 -4.51
N GLY B 231 -26.69 1.10 -5.52
CA GLY B 231 -26.32 1.89 -6.69
C GLY B 231 -24.98 2.61 -6.64
N TYR B 232 -24.22 2.48 -5.55
CA TYR B 232 -22.92 3.13 -5.51
C TYR B 232 -21.97 2.54 -6.55
N ARG B 233 -21.26 3.40 -7.27
CA ARG B 233 -20.21 2.92 -8.17
C ARG B 233 -18.95 3.79 -7.97
N MET B 234 -17.75 3.22 -8.11
CA MET B 234 -16.55 4.06 -8.07
C MET B 234 -16.62 5.19 -9.12
N PRO B 235 -16.13 6.39 -8.76
CA PRO B 235 -16.07 7.55 -9.68
C PRO B 235 -14.90 7.43 -10.67
N CYS B 236 -14.86 8.33 -11.64
CA CYS B 236 -13.77 8.40 -12.60
C CYS B 236 -12.43 8.70 -11.88
N PRO B 237 -11.44 7.79 -12.01
CA PRO B 237 -10.09 8.03 -11.47
C PRO B 237 -9.42 9.27 -12.07
N PRO B 238 -8.60 9.96 -11.27
CA PRO B 238 -7.98 11.18 -11.80
C PRO B 238 -7.19 10.93 -13.09
N GLU B 239 -7.40 11.80 -14.08
CA GLU B 239 -6.67 11.76 -15.34
C GLU B 239 -7.18 10.65 -16.26
N CYS B 240 -8.21 9.94 -15.83
CA CYS B 240 -8.80 8.88 -16.66
C CYS B 240 -9.93 9.51 -17.47
N PRO B 241 -9.91 9.32 -18.81
CA PRO B 241 -10.97 9.86 -19.70
C PRO B 241 -12.33 9.34 -19.27
N GLU B 242 -13.35 10.19 -19.33
CA GLU B 242 -14.69 9.79 -18.94
C GLU B 242 -15.21 8.64 -19.82
N SER B 243 -14.70 8.53 -21.04
CA SER B 243 -15.16 7.50 -21.96
C SER B 243 -14.73 6.13 -21.43
N LEU B 244 -13.52 6.06 -20.85
CA LEU B 244 -13.09 4.81 -20.23
C LEU B 244 -13.87 4.54 -18.93
N HIS B 245 -14.13 5.56 -18.13
CA HIS B 245 -14.91 5.36 -16.92
C HIS B 245 -16.35 4.94 -17.31
N ASP B 246 -16.82 5.43 -18.45
CA ASP B 246 -18.14 5.04 -18.93
C ASP B 246 -18.15 3.54 -19.25
N LEU B 247 -17.03 3.04 -19.77
CA LEU B 247 -16.95 1.60 -20.05
C LEU B 247 -17.01 0.78 -18.74
N MET B 248 -16.29 1.25 -17.71
CA MET B 248 -16.38 0.60 -16.40
C MET B 248 -17.83 0.54 -15.90
N CYS B 249 -18.57 1.64 -16.04
CA CYS B 249 -19.97 1.74 -15.56
C CYS B 249 -20.94 0.77 -16.27
N GLN B 250 -20.69 0.49 -17.54
CA GLN B 250 -21.43 -0.55 -18.27
C GLN B 250 -21.12 -1.95 -17.77
N CYS B 251 -19.84 -2.20 -17.48
CA CYS B 251 -19.41 -3.46 -16.86
C CYS B 251 -20.08 -3.63 -15.50
N TRP B 252 -20.45 -2.51 -14.87
CA TRP B 252 -21.06 -2.58 -13.54
C TRP B 252 -22.58 -2.33 -13.55
N ARG B 253 -23.25 -2.55 -14.68
CA ARG B 253 -24.71 -2.50 -14.69
C ARG B 253 -25.27 -3.55 -13.74
N LYS B 254 -26.32 -3.19 -13.02
CA LYS B 254 -26.98 -4.13 -12.10
C LYS B 254 -27.53 -5.37 -12.81
N ASP B 255 -28.10 -5.20 -14.01
CA ASP B 255 -28.55 -6.37 -14.78
C ASP B 255 -27.40 -6.99 -15.54
N PRO B 256 -27.09 -8.28 -15.25
CA PRO B 256 -25.92 -8.93 -15.86
C PRO B 256 -26.02 -8.92 -17.40
N GLU B 257 -27.23 -9.06 -17.93
CA GLU B 257 -27.42 -9.17 -19.38
C GLU B 257 -27.18 -7.84 -20.08
N GLU B 258 -27.25 -6.75 -19.33
CA GLU B 258 -26.96 -5.42 -19.89
C GLU B 258 -25.46 -5.08 -19.96
N ARG B 259 -24.62 -5.92 -19.36
CA ARG B 259 -23.17 -5.69 -19.39
C ARG B 259 -22.64 -6.13 -20.74
N PRO B 260 -21.66 -5.38 -21.26
CA PRO B 260 -21.05 -5.68 -22.58
C PRO B 260 -20.45 -7.09 -22.61
N THR B 261 -20.24 -7.64 -23.81
CA THR B 261 -19.53 -8.88 -23.91
C THR B 261 -18.01 -8.56 -23.88
N PHE B 262 -17.19 -9.59 -23.71
CA PHE B 262 -15.76 -9.45 -23.85
C PHE B 262 -15.36 -9.19 -25.28
N GLU B 263 -16.12 -9.76 -26.22
CA GLU B 263 -15.88 -9.47 -27.64
C GLU B 263 -15.91 -7.98 -27.85
N TYR B 264 -16.95 -7.35 -27.32
CA TYR B 264 -17.10 -5.92 -27.46
C TYR B 264 -15.97 -5.15 -26.75
N LEU B 265 -15.67 -5.54 -25.50
CA LEU B 265 -14.65 -4.88 -24.70
C LEU B 265 -13.29 -4.96 -25.42
N GLN B 266 -12.95 -6.12 -25.95
CA GLN B 266 -11.69 -6.30 -26.65
C GLN B 266 -11.58 -5.36 -27.84
N ALA B 267 -12.63 -5.29 -28.67
CA ALA B 267 -12.64 -4.38 -29.83
C ALA B 267 -12.59 -2.89 -29.41
N PHE B 268 -13.34 -2.54 -28.37
CA PHE B 268 -13.37 -1.18 -27.86
C PHE B 268 -11.95 -0.72 -27.42
N LEU B 269 -11.24 -1.59 -26.73
CA LEU B 269 -9.96 -1.22 -26.12
C LEU B 269 -8.83 -1.20 -27.15
N GLU B 270 -8.83 -2.20 -28.02
CA GLU B 270 -7.91 -2.26 -29.18
C GLU B 270 -7.95 -1.01 -30.06
N ASP B 271 -9.16 -0.51 -30.34
CA ASP B 271 -9.31 0.67 -31.22
C ASP B 271 -9.37 1.99 -30.46
N TYR B 272 -9.26 1.94 -29.14
CA TYR B 272 -9.56 3.10 -28.28
C TYR B 272 -8.97 4.43 -28.72
N PHE B 273 -7.69 4.45 -29.06
CA PHE B 273 -7.03 5.73 -29.32
C PHE B 273 -7.32 6.29 -30.72
N THR B 274 -7.98 5.51 -31.57
CA THR B 274 -8.42 6.06 -32.86
C THR B 274 -9.91 6.42 -32.85
N SER B 275 -10.73 5.47 -32.40
CA SER B 275 -12.20 5.57 -32.48
C SER B 275 -12.86 6.34 -31.34
N THR B 276 -12.26 6.30 -30.16
CA THR B 276 -12.91 6.83 -28.93
C THR B 276 -12.24 8.08 -28.34
N GLU B 277 -10.92 8.05 -28.21
CA GLU B 277 -10.17 9.19 -27.68
C GLU B 277 -9.05 9.61 -28.62
N PRO B 278 -9.40 10.07 -29.85
CA PRO B 278 -8.36 10.35 -30.84
C PRO B 278 -7.53 11.60 -30.50
N GLN B 279 -8.04 12.40 -29.57
CA GLN B 279 -7.37 13.63 -29.14
C GLN B 279 -6.63 13.47 -27.82
N TYR B 280 -6.34 12.23 -27.44
CA TYR B 280 -5.62 11.95 -26.20
C TYR B 280 -4.25 12.65 -26.19
N GLN B 281 -3.94 13.33 -25.08
CA GLN B 281 -2.62 13.88 -24.81
C GLN B 281 -2.12 13.31 -23.48
N PRO B 282 -0.87 12.82 -23.46
CA PRO B 282 -0.30 12.28 -22.22
C PRO B 282 -0.27 13.28 -21.09
N GLY B 283 -0.43 12.77 -19.88
CA GLY B 283 -0.46 13.60 -18.68
C GLY B 283 0.60 13.13 -17.74
N GLU B 284 0.56 13.65 -16.52
CA GLU B 284 1.57 13.33 -15.52
C GLU B 284 1.54 11.86 -15.16
N ASN B 285 0.34 11.32 -15.03
CA ASN B 285 0.16 9.94 -14.56
C ASN B 285 -0.43 8.96 -15.59
N LEU B 286 -1.35 9.44 -16.43
CA LEU B 286 -1.96 8.59 -17.47
C LEU B 286 -1.84 9.25 -18.85
C10 VSP C . 2.63 17.38 22.43
C13 VSP C . 3.52 20.30 20.01
C17 VSP C . 1.83 21.63 16.91
C21 VSP C . 2.83 22.46 20.90
C22 VSP C . 2.36 21.82 22.07
O20 VSP C . 4.28 22.46 16.17
N01 VSP C . -0.11 18.30 21.08
C11 VSP C . 3.23 18.18 21.25
C02 VSP C . -0.02 17.46 22.22
C12 VSP C . 3.06 19.69 21.18
C03 VSP C . 1.21 17.10 22.75
C23 VSP C . 2.48 20.44 22.22
N24 VSP C . 0.08 15.83 24.49
C04 VSP C . 1.25 16.27 23.92
C14 VSP C . 3.39 21.70 19.87
N05 VSP C . 2.55 16.06 24.22
N15 VSP C . 3.87 22.35 18.68
C25 VSP C . -1.10 16.19 23.97
N26 VSP C . -1.15 16.99 22.84
C06 VSP C . 3.04 15.26 25.33
S16 VSP C . 3.59 21.70 17.19
C07 VSP C . 4.15 16.00 26.06
C08 VSP C . 3.57 13.96 24.77
C18 VSP C . 1.21 23.00 16.81
N09 VSP C . 3.34 16.73 23.36
O19 VSP C . 4.19 20.39 16.99
C10 VSP D . 2.06 -17.66 -11.57
C13 VSP D . -0.31 -20.57 -12.43
C17 VSP D . -1.65 -21.89 -15.71
C21 VSP D . 0.85 -22.70 -12.42
C22 VSP D . 2.04 -22.04 -12.06
O20 VSP D . -3.73 -22.88 -14.33
N01 VSP D . 2.95 -18.68 -14.51
C11 VSP D . 0.76 -18.42 -11.91
C02 VSP D . 3.74 -17.86 -13.66
C12 VSP D . 0.86 -19.93 -12.07
C03 VSP D . 3.28 -17.46 -12.39
C23 VSP D . 2.05 -20.64 -11.88
N24 VSP D . 5.35 -16.26 -12.05
C04 VSP D . 4.13 -16.63 -11.57
C14 VSP D . -0.33 -21.96 -12.62
N05 VSP D . 3.45 -16.41 -10.41
N15 VSP D . -1.58 -22.59 -12.99
C25 VSP D . 5.77 -16.65 -13.26
N26 VSP D . 4.97 -17.44 -14.07
C06 VSP D . 3.89 -15.59 -9.28
S16 VSP D . -2.58 -22.02 -14.21
C07 VSP D . 3.52 -16.28 -7.98
C08 VSP D . 3.05 -14.35 -9.34
C18 VSP D . -1.25 -23.25 -16.25
N09 VSP D . 2.26 -16.99 -10.43
O19 VSP D . -3.19 -20.74 -13.94
#